data_4TKP
#
_entry.id   4TKP
#
_cell.length_a   78.170
_cell.length_b   78.170
_cell.length_c   82.562
_cell.angle_alpha   90.00
_cell.angle_beta   90.00
_cell.angle_gamma   90.00
#
_symmetry.space_group_name_H-M   'P 41 21 2'
#
loop_
_entity.id
_entity.type
_entity.pdbx_description
1 polymer 'Ubiquitin-conjugating enzyme E2 N'
2 polymer 'Tripartite motif-containing protein 5'
3 non-polymer 'SULFATE ION'
4 non-polymer 'ZINC ION'
5 water water
#
loop_
_entity_poly.entity_id
_entity_poly.type
_entity_poly.pdbx_seq_one_letter_code
_entity_poly.pdbx_strand_id
1 'polypeptide(L)'
;GTAGLPRRIIKETQRLLAEPVPGIKAEPDESNARYFHVVIAGPQDSPFEGGTFKLELFLPEEYPMAAPKVRFMTKIYHPN
VDKLGRICLDILKDKWSPALQIRTVLLSIQALLSAPNPDDPLANDVAEQWKTNEAQAIETARAWTRLYAMNNI
;
A
2 'polypeptide(L)'
;GSASGILLNVKEEVTCPICLELLTEPLSLHCGHSFCQACITANHKKSMLYKEGERSCPVCRISYQPENIQPNRHVANIVE
KLREVKLSPEEGQ
;
B
#
# COMPACT_ATOMS: atom_id res chain seq x y z
N LEU A 5 18.59 3.00 -8.36
CA LEU A 5 17.56 2.55 -7.42
C LEU A 5 17.46 3.54 -6.27
N PRO A 6 16.44 4.42 -6.30
CA PRO A 6 16.23 5.47 -5.30
C PRO A 6 16.26 4.93 -3.86
N ARG A 7 16.88 5.69 -2.96
CA ARG A 7 17.05 5.26 -1.57
C ARG A 7 15.71 5.02 -0.88
N ARG A 8 14.67 5.73 -1.34
CA ARG A 8 13.32 5.54 -0.84
C ARG A 8 12.90 4.08 -0.91
N ILE A 9 13.15 3.45 -2.04
CA ILE A 9 12.82 2.04 -2.23
C ILE A 9 13.64 1.16 -1.29
N ILE A 10 14.92 1.47 -1.15
CA ILE A 10 15.80 0.76 -0.22
C ILE A 10 15.26 0.85 1.21
N LYS A 11 14.84 2.05 1.61
CA LYS A 11 14.30 2.26 2.95
C LYS A 11 13.01 1.47 3.18
N GLU A 12 12.05 1.62 2.27
CA GLU A 12 10.80 0.87 2.32
C GLU A 12 11.03 -0.63 2.43
N THR A 13 11.90 -1.14 1.56
CA THR A 13 12.22 -2.57 1.51
C THR A 13 12.82 -3.05 2.83
N GLN A 14 13.82 -2.32 3.31
CA GLN A 14 14.45 -2.60 4.59
C GLN A 14 13.41 -2.57 5.71
N ARG A 15 12.50 -1.60 5.65
CA ARG A 15 11.48 -1.42 6.66
C ARG A 15 10.37 -2.47 6.56
N LEU A 16 10.07 -2.88 5.33
CA LEU A 16 9.03 -3.89 5.11
C LEU A 16 9.45 -5.23 5.68
N LEU A 17 10.72 -5.57 5.49
CA LEU A 17 11.26 -6.83 5.99
C LEU A 17 11.43 -6.82 7.51
N ALA A 18 11.64 -5.64 8.07
CA ALA A 18 11.80 -5.49 9.51
C ALA A 18 10.46 -5.66 10.23
N GLU A 19 9.49 -4.84 9.86
CA GLU A 19 8.14 -4.93 10.43
C GLU A 19 7.14 -5.34 9.36
N PRO A 20 6.94 -6.65 9.18
CA PRO A 20 6.04 -7.17 8.15
C PRO A 20 4.58 -6.90 8.50
N VAL A 21 3.74 -6.76 7.49
CA VAL A 21 2.31 -6.60 7.71
C VAL A 21 1.72 -7.94 8.12
N PRO A 22 0.98 -7.96 9.24
CA PRO A 22 0.34 -9.19 9.73
C PRO A 22 -0.53 -9.84 8.65
N GLY A 23 -0.30 -11.12 8.39
CA GLY A 23 -1.05 -11.86 7.39
C GLY A 23 -0.56 -11.61 5.98
N ILE A 24 0.58 -10.94 5.86
CA ILE A 24 1.14 -10.61 4.56
C ILE A 24 2.65 -10.85 4.50
N LYS A 25 3.07 -11.74 3.62
CA LYS A 25 4.48 -11.94 3.34
C LYS A 25 4.85 -11.18 2.08
N ALA A 26 5.80 -10.26 2.18
CA ALA A 26 6.21 -9.44 1.05
C ALA A 26 7.72 -9.35 0.99
N GLU A 27 8.32 -9.94 -0.05
CA GLU A 27 9.77 -9.96 -0.20
C GLU A 27 10.21 -9.53 -1.59
N PRO A 28 11.28 -8.73 -1.66
CA PRO A 28 11.82 -8.26 -2.94
C PRO A 28 12.37 -9.42 -3.75
N ASP A 29 12.29 -9.32 -5.08
CA ASP A 29 12.84 -10.36 -5.95
C ASP A 29 14.36 -10.35 -5.85
N GLU A 30 14.95 -11.54 -5.86
CA GLU A 30 16.39 -11.69 -5.67
C GLU A 30 17.20 -11.11 -6.82
N SER A 31 16.58 -11.03 -7.99
CA SER A 31 17.26 -10.53 -9.19
C SER A 31 16.92 -9.07 -9.46
N ASN A 32 15.67 -8.70 -9.23
CA ASN A 32 15.20 -7.34 -9.51
C ASN A 32 14.52 -6.74 -8.28
N ALA A 33 15.21 -5.82 -7.62
CA ALA A 33 14.73 -5.25 -6.37
C ALA A 33 13.45 -4.43 -6.50
N ARG A 34 13.06 -4.13 -7.73
CA ARG A 34 11.83 -3.38 -7.98
C ARG A 34 10.62 -4.29 -7.97
N TYR A 35 10.86 -5.59 -8.03
CA TYR A 35 9.78 -6.59 -8.01
C TYR A 35 9.63 -7.21 -6.64
N PHE A 36 8.38 -7.38 -6.20
CA PHE A 36 8.09 -7.99 -4.92
C PHE A 36 7.17 -9.18 -5.09
N HIS A 37 7.50 -10.29 -4.42
CA HIS A 37 6.63 -11.45 -4.39
C HIS A 37 5.80 -11.40 -3.12
N VAL A 38 4.49 -11.35 -3.29
CA VAL A 38 3.58 -11.12 -2.17
C VAL A 38 2.62 -12.28 -1.94
N VAL A 39 2.47 -12.69 -0.69
CA VAL A 39 1.48 -13.69 -0.33
C VAL A 39 0.57 -13.16 0.77
N ILE A 40 -0.72 -13.06 0.47
CA ILE A 40 -1.70 -12.59 1.44
C ILE A 40 -2.58 -13.73 1.90
N ALA A 41 -2.61 -13.94 3.22
CA ALA A 41 -3.48 -14.95 3.80
C ALA A 41 -4.92 -14.50 3.67
N GLY A 42 -5.82 -15.44 3.38
CA GLY A 42 -7.23 -15.13 3.33
C GLY A 42 -7.71 -14.70 4.70
N PRO A 43 -8.37 -13.54 4.79
CA PRO A 43 -8.86 -13.01 6.06
C PRO A 43 -9.82 -13.97 6.74
N GLN A 44 -9.75 -14.08 8.06
CA GLN A 44 -10.64 -14.95 8.82
C GLN A 44 -12.09 -14.48 8.67
N ASP A 45 -13.02 -15.43 8.73
CA ASP A 45 -14.44 -15.17 8.58
C ASP A 45 -14.82 -14.64 7.20
N SER A 46 -13.92 -14.83 6.24
CA SER A 46 -14.21 -14.46 4.84
C SER A 46 -14.30 -15.74 4.01
N PRO A 47 -14.90 -15.66 2.82
CA PRO A 47 -14.95 -16.83 1.94
C PRO A 47 -13.55 -17.27 1.51
N PHE A 48 -12.56 -16.40 1.69
CA PHE A 48 -11.20 -16.67 1.25
C PHE A 48 -10.34 -17.21 2.40
N GLU A 49 -10.97 -17.42 3.55
CA GLU A 49 -10.28 -17.93 4.73
C GLU A 49 -9.61 -19.27 4.46
N GLY A 50 -8.39 -19.43 4.98
CA GLY A 50 -7.64 -20.66 4.80
C GLY A 50 -6.80 -20.62 3.54
N GLY A 51 -7.00 -19.58 2.74
CA GLY A 51 -6.29 -19.44 1.48
C GLY A 51 -5.04 -18.61 1.58
N THR A 52 -4.09 -18.87 0.69
CA THR A 52 -2.89 -18.07 0.56
C THR A 52 -2.80 -17.56 -0.86
N PHE A 53 -2.93 -16.25 -1.03
CA PHE A 53 -3.03 -15.65 -2.35
C PHE A 53 -1.75 -14.96 -2.79
N LYS A 54 -1.22 -15.38 -3.94
CA LYS A 54 0.02 -14.84 -4.47
C LYS A 54 -0.22 -13.61 -5.34
N LEU A 55 0.60 -12.60 -5.15
CA LEU A 55 0.52 -11.38 -5.96
C LEU A 55 1.90 -10.94 -6.40
N GLU A 56 1.96 -10.30 -7.56
CA GLU A 56 3.19 -9.68 -8.03
C GLU A 56 3.03 -8.17 -7.97
N LEU A 57 3.99 -7.51 -7.34
CA LEU A 57 4.00 -6.06 -7.25
C LEU A 57 5.34 -5.56 -7.76
N PHE A 58 5.32 -4.59 -8.66
CA PHE A 58 6.57 -3.95 -9.07
C PHE A 58 6.50 -2.43 -9.06
N LEU A 59 7.64 -1.80 -8.86
CA LEU A 59 7.74 -0.35 -8.77
C LEU A 59 8.24 0.22 -10.09
N PRO A 60 7.38 0.96 -10.79
CA PRO A 60 7.75 1.58 -12.07
C PRO A 60 8.81 2.66 -11.90
N GLU A 61 9.32 3.17 -13.01
CA GLU A 61 10.40 4.15 -13.00
C GLU A 61 10.11 5.39 -12.16
N GLU A 62 8.88 5.89 -12.24
CA GLU A 62 8.54 7.16 -11.62
C GLU A 62 8.05 7.06 -10.17
N TYR A 63 8.01 5.86 -9.62
CA TYR A 63 7.68 5.67 -8.22
C TYR A 63 8.66 6.48 -7.36
N PRO A 64 8.16 7.14 -6.30
CA PRO A 64 6.79 7.11 -5.76
C PRO A 64 5.80 8.09 -6.40
N MET A 65 6.21 8.83 -7.43
CA MET A 65 5.28 9.74 -8.10
C MET A 65 4.20 8.95 -8.83
N ALA A 66 4.55 7.75 -9.28
CA ALA A 66 3.60 6.85 -9.90
C ALA A 66 3.32 5.68 -8.96
N ALA A 67 2.10 5.15 -9.02
CA ALA A 67 1.69 4.05 -8.16
C ALA A 67 2.38 2.76 -8.56
N PRO A 68 2.60 1.86 -7.59
CA PRO A 68 3.14 0.54 -7.93
C PRO A 68 2.13 -0.25 -8.76
N LYS A 69 2.62 -1.20 -9.56
CA LYS A 69 1.75 -2.05 -10.34
C LYS A 69 1.55 -3.38 -9.63
N VAL A 70 0.29 -3.77 -9.45
CA VAL A 70 -0.02 -5.00 -8.72
C VAL A 70 -0.94 -5.88 -9.55
N ARG A 71 -0.73 -7.19 -9.45
CA ARG A 71 -1.59 -8.15 -10.12
C ARG A 71 -1.68 -9.44 -9.29
N PHE A 72 -2.89 -9.91 -9.07
CA PHE A 72 -3.10 -11.21 -8.46
C PHE A 72 -2.58 -12.30 -9.39
N MET A 73 -1.80 -13.23 -8.86
CA MET A 73 -1.33 -14.37 -9.63
C MET A 73 -2.26 -15.56 -9.40
N THR A 74 -2.68 -15.72 -8.15
CA THR A 74 -3.60 -16.79 -7.77
C THR A 74 -5.00 -16.46 -8.26
N LYS A 75 -5.64 -17.43 -8.92
CA LYS A 75 -7.03 -17.29 -9.34
C LYS A 75 -7.92 -17.06 -8.12
N ILE A 76 -8.82 -16.10 -8.23
CA ILE A 76 -9.70 -15.78 -7.12
C ILE A 76 -11.07 -15.31 -7.60
N TYR A 77 -12.12 -15.75 -6.91
CA TYR A 77 -13.47 -15.35 -7.26
C TYR A 77 -13.87 -14.13 -6.44
N HIS A 78 -13.49 -12.96 -6.94
CA HIS A 78 -13.72 -11.71 -6.22
C HIS A 78 -14.26 -10.65 -7.18
N PRO A 79 -15.29 -9.91 -6.75
CA PRO A 79 -15.94 -8.88 -7.57
C PRO A 79 -14.99 -7.80 -8.08
N ASN A 80 -13.93 -7.55 -7.32
CA ASN A 80 -13.01 -6.47 -7.64
C ASN A 80 -11.67 -6.95 -8.19
N VAL A 81 -11.60 -8.23 -8.51
CA VAL A 81 -10.45 -8.80 -9.21
C VAL A 81 -10.92 -9.49 -10.48
N ASP A 82 -10.48 -9.00 -11.63
CA ASP A 82 -10.93 -9.58 -12.90
C ASP A 82 -10.20 -10.87 -13.26
N LYS A 83 -10.51 -11.42 -14.42
CA LYS A 83 -9.95 -12.69 -14.86
C LYS A 83 -8.45 -12.59 -15.12
N LEU A 84 -7.95 -11.37 -15.28
CA LEU A 84 -6.54 -11.15 -15.56
C LEU A 84 -5.77 -10.78 -14.30
N GLY A 85 -6.43 -10.87 -13.15
CA GLY A 85 -5.78 -10.59 -11.88
C GLY A 85 -5.71 -9.11 -11.54
N ARG A 86 -6.20 -8.28 -12.44
CA ARG A 86 -6.18 -6.84 -12.22
C ARG A 86 -7.19 -6.44 -11.14
N ILE A 87 -6.73 -5.61 -10.21
CA ILE A 87 -7.55 -5.24 -9.07
C ILE A 87 -8.03 -3.80 -9.17
N CYS A 88 -9.30 -3.58 -8.88
CA CYS A 88 -9.87 -2.25 -8.87
C CYS A 88 -9.69 -1.60 -7.50
N LEU A 89 -8.76 -0.67 -7.42
CA LEU A 89 -8.43 -0.01 -6.17
C LEU A 89 -7.99 1.43 -6.48
N ASP A 90 -8.71 2.39 -5.93
CA ASP A 90 -8.52 3.80 -6.29
C ASP A 90 -7.10 4.33 -6.09
N ILE A 91 -6.42 3.86 -5.05
CA ILE A 91 -5.06 4.33 -4.78
C ILE A 91 -4.04 3.77 -5.76
N LEU A 92 -4.48 2.87 -6.63
CA LEU A 92 -3.62 2.37 -7.70
C LEU A 92 -3.75 3.25 -8.93
N LYS A 93 -4.62 4.25 -8.85
CA LYS A 93 -4.82 5.19 -9.95
C LYS A 93 -4.84 6.64 -9.49
N ASP A 94 -5.98 7.30 -9.69
CA ASP A 94 -6.12 8.74 -9.44
C ASP A 94 -5.99 9.13 -7.97
N LYS A 95 -6.12 8.16 -7.08
CA LYS A 95 -6.03 8.44 -5.65
C LYS A 95 -4.64 8.17 -5.07
N TRP A 96 -3.68 7.88 -5.95
CA TRP A 96 -2.32 7.66 -5.50
C TRP A 96 -1.62 8.97 -5.13
N SER A 97 -0.81 8.92 -4.09
CA SER A 97 -0.03 10.05 -3.64
C SER A 97 1.39 9.59 -3.31
N PRO A 98 2.39 10.47 -3.48
CA PRO A 98 3.78 10.15 -3.16
C PRO A 98 3.98 9.85 -1.68
N ALA A 99 3.03 10.30 -0.84
CA ALA A 99 3.10 10.04 0.59
C ALA A 99 2.64 8.64 0.94
N LEU A 100 2.00 7.97 -0.02
CA LEU A 100 1.59 6.58 0.15
C LEU A 100 2.79 5.65 -0.06
N GLN A 101 2.69 4.43 0.44
CA GLN A 101 3.79 3.47 0.36
C GLN A 101 3.30 2.09 -0.10
N ILE A 102 4.24 1.15 -0.20
CA ILE A 102 3.90 -0.23 -0.51
C ILE A 102 3.02 -0.82 0.59
N ARG A 103 3.31 -0.44 1.83
CA ARG A 103 2.51 -0.88 2.98
C ARG A 103 1.03 -0.57 2.82
N THR A 104 0.73 0.65 2.40
CA THR A 104 -0.65 1.09 2.24
C THR A 104 -1.36 0.28 1.17
N VAL A 105 -0.65 0.00 0.08
CA VAL A 105 -1.19 -0.82 -0.99
C VAL A 105 -1.51 -2.21 -0.49
N LEU A 106 -0.55 -2.82 0.20
CA LEU A 106 -0.73 -4.16 0.76
C LEU A 106 -1.90 -4.20 1.74
N LEU A 107 -1.97 -3.19 2.60
CA LEU A 107 -3.06 -3.09 3.57
C LEU A 107 -4.42 -2.93 2.89
N SER A 108 -4.44 -2.17 1.79
CA SER A 108 -5.68 -1.93 1.06
C SER A 108 -6.17 -3.19 0.33
N ILE A 109 -5.26 -3.92 -0.29
CA ILE A 109 -5.61 -5.16 -0.98
C ILE A 109 -6.11 -6.18 0.02
N GLN A 110 -5.44 -6.25 1.17
CA GLN A 110 -5.83 -7.14 2.25
C GLN A 110 -7.25 -6.84 2.73
N ALA A 111 -7.57 -5.55 2.83
CA ALA A 111 -8.90 -5.12 3.24
C ALA A 111 -9.95 -5.44 2.18
N LEU A 112 -9.54 -5.35 0.92
CA LEU A 112 -10.43 -5.63 -0.20
C LEU A 112 -10.93 -7.07 -0.16
N LEU A 113 -10.10 -7.96 0.35
CA LEU A 113 -10.46 -9.36 0.51
C LEU A 113 -11.52 -9.55 1.59
N SER A 114 -11.44 -8.73 2.63
CA SER A 114 -12.41 -8.80 3.72
C SER A 114 -13.75 -8.20 3.30
N ALA A 115 -13.72 -7.25 2.38
CA ALA A 115 -14.94 -6.55 1.98
C ALA A 115 -15.10 -6.47 0.46
N PRO A 116 -15.57 -7.56 -0.16
CA PRO A 116 -15.86 -7.54 -1.60
C PRO A 116 -17.03 -6.60 -1.88
N ASN A 117 -16.91 -5.73 -2.87
CA ASN A 117 -17.99 -4.79 -3.16
C ASN A 117 -18.45 -4.89 -4.60
N PRO A 118 -19.62 -5.51 -4.83
CA PRO A 118 -20.16 -5.76 -6.16
C PRO A 118 -20.81 -4.53 -6.80
N ASP A 119 -21.22 -3.57 -5.98
CA ASP A 119 -21.92 -2.39 -6.46
C ASP A 119 -21.13 -1.64 -7.52
N ASN A 124 -18.77 -6.58 -14.29
CA ASN A 124 -18.34 -7.92 -14.72
C ASN A 124 -19.26 -9.02 -14.21
N ASP A 125 -19.14 -10.21 -14.80
CA ASP A 125 -20.03 -11.33 -14.49
C ASP A 125 -19.89 -11.80 -13.04
N VAL A 126 -18.68 -11.75 -12.51
CA VAL A 126 -18.44 -12.13 -11.12
C VAL A 126 -19.23 -11.23 -10.18
N ALA A 127 -19.18 -9.93 -10.44
CA ALA A 127 -19.91 -8.95 -9.65
C ALA A 127 -21.42 -9.18 -9.73
N GLU A 128 -21.88 -9.62 -10.90
CA GLU A 128 -23.30 -9.92 -11.11
C GLU A 128 -23.76 -11.02 -10.16
N GLN A 129 -22.96 -12.07 -10.05
CA GLN A 129 -23.29 -13.21 -9.21
C GLN A 129 -23.35 -12.81 -7.74
N TRP A 130 -22.39 -12.00 -7.30
CA TRP A 130 -22.37 -11.50 -5.93
C TRP A 130 -23.58 -10.62 -5.66
N LYS A 131 -24.18 -10.09 -6.72
CA LYS A 131 -25.30 -9.17 -6.61
C LYS A 131 -26.63 -9.90 -6.58
N THR A 132 -26.89 -10.67 -7.64
CA THR A 132 -28.16 -11.38 -7.78
C THR A 132 -28.34 -12.44 -6.69
N ASN A 133 -27.36 -13.33 -6.55
CA ASN A 133 -27.35 -14.30 -5.46
C ASN A 133 -26.02 -14.34 -4.71
N GLU A 134 -25.94 -13.57 -3.63
CA GLU A 134 -24.70 -13.43 -2.86
C GLU A 134 -24.26 -14.74 -2.18
N ALA A 135 -25.22 -15.44 -1.58
CA ALA A 135 -24.94 -16.66 -0.83
C ALA A 135 -24.22 -17.70 -1.68
N GLN A 136 -24.55 -17.75 -2.95
CA GLN A 136 -23.94 -18.72 -3.87
C GLN A 136 -22.56 -18.26 -4.35
N ALA A 137 -22.42 -16.96 -4.55
CA ALA A 137 -21.15 -16.38 -4.99
C ALA A 137 -20.07 -16.60 -3.94
N ILE A 138 -20.45 -16.47 -2.66
CA ILE A 138 -19.55 -16.75 -1.55
C ILE A 138 -19.13 -18.21 -1.58
N GLU A 139 -20.09 -19.09 -1.90
CA GLU A 139 -19.83 -20.52 -1.98
C GLU A 139 -18.85 -20.85 -3.10
N THR A 140 -18.98 -20.13 -4.23
CA THR A 140 -18.05 -20.30 -5.33
C THR A 140 -16.65 -19.82 -4.93
N ALA A 141 -16.60 -18.65 -4.29
CA ALA A 141 -15.34 -18.11 -3.80
C ALA A 141 -14.68 -19.08 -2.83
N ARG A 142 -15.50 -19.71 -2.01
CA ARG A 142 -15.03 -20.70 -1.04
C ARG A 142 -14.46 -21.92 -1.75
N ALA A 143 -15.06 -22.28 -2.89
CA ALA A 143 -14.58 -23.40 -3.69
C ALA A 143 -13.31 -23.04 -4.45
N TRP A 144 -13.28 -21.85 -5.03
CA TRP A 144 -12.10 -21.34 -5.74
C TRP A 144 -10.90 -21.23 -4.80
N THR A 145 -11.15 -20.84 -3.56
CA THR A 145 -10.09 -20.76 -2.55
C THR A 145 -9.50 -22.14 -2.30
N ARG A 146 -10.37 -23.12 -2.07
CA ARG A 146 -9.94 -24.50 -1.86
C ARG A 146 -9.17 -25.03 -3.07
N LEU A 147 -9.66 -24.69 -4.25
CA LEU A 147 -9.11 -25.23 -5.49
C LEU A 147 -7.79 -24.59 -5.90
N TYR A 148 -7.69 -23.26 -5.74
CA TYR A 148 -6.55 -22.53 -6.28
C TYR A 148 -5.67 -21.86 -5.22
N ALA A 149 -6.21 -21.64 -4.03
CA ALA A 149 -5.49 -20.88 -3.01
C ALA A 149 -5.10 -21.71 -1.78
N MET A 150 -5.23 -23.03 -1.90
CA MET A 150 -4.78 -23.91 -0.82
C MET A 150 -3.75 -24.92 -1.33
N ASN A 151 -2.73 -25.15 -0.52
CA ASN A 151 -1.60 -26.01 -0.89
C ASN A 151 -0.88 -25.51 -2.15
N ASN A 152 -1.04 -24.24 -2.45
CA ASN A 152 -0.54 -23.66 -3.69
C ASN A 152 0.83 -23.01 -3.55
N ILE A 153 1.43 -23.15 -2.37
CA ILE A 153 2.74 -22.55 -2.12
C ILE A 153 3.85 -23.59 -2.24
N ILE B 6 9.69 5.09 22.60
CA ILE B 6 9.22 6.46 22.47
C ILE B 6 10.12 7.24 21.51
N LEU B 7 11.37 6.80 21.37
CA LEU B 7 12.33 7.47 20.50
C LEU B 7 12.09 7.15 19.03
N LEU B 8 11.57 5.96 18.76
CA LEU B 8 11.24 5.57 17.39
C LEU B 8 10.03 6.34 16.91
N ASN B 9 9.02 6.45 17.77
CA ASN B 9 7.82 7.21 17.45
C ASN B 9 8.12 8.66 17.14
N VAL B 10 9.06 9.24 17.89
CA VAL B 10 9.48 10.62 17.69
C VAL B 10 10.20 10.79 16.36
N LYS B 11 11.14 9.89 16.07
CA LYS B 11 11.89 9.94 14.83
C LYS B 11 10.98 9.78 13.63
N GLU B 12 9.88 9.05 13.81
CA GLU B 12 8.91 8.84 12.74
C GLU B 12 8.07 10.09 12.55
N GLU B 13 7.91 10.87 13.61
CA GLU B 13 7.16 12.12 13.54
C GLU B 13 7.89 13.18 12.74
N VAL B 14 9.22 13.13 12.78
CA VAL B 14 10.04 14.09 12.05
C VAL B 14 10.68 13.46 10.81
N THR B 15 10.01 12.44 10.27
CA THR B 15 10.43 11.81 9.02
C THR B 15 9.61 12.35 7.86
N CYS B 16 10.30 12.77 6.81
CA CYS B 16 9.62 13.23 5.59
C CYS B 16 8.93 12.06 4.90
N PRO B 17 7.61 12.16 4.74
CA PRO B 17 6.82 11.06 4.14
C PRO B 17 7.12 10.84 2.65
N ILE B 18 7.92 11.70 2.05
CA ILE B 18 8.27 11.55 0.64
C ILE B 18 9.58 10.77 0.45
N CYS B 19 10.67 11.32 0.97
CA CYS B 19 11.98 10.69 0.81
C CYS B 19 12.23 9.64 1.89
N LEU B 20 11.40 9.66 2.94
CA LEU B 20 11.52 8.75 4.07
C LEU B 20 12.83 8.90 4.83
N GLU B 21 13.41 10.09 4.76
CA GLU B 21 14.58 10.43 5.58
C GLU B 21 14.20 11.52 6.56
N LEU B 22 15.08 11.79 7.52
CA LEU B 22 14.85 12.86 8.47
C LEU B 22 14.68 14.19 7.76
N LEU B 23 13.74 14.99 8.22
CA LEU B 23 13.42 16.28 7.60
C LEU B 23 14.64 17.17 7.43
N THR B 24 14.84 17.66 6.21
CA THR B 24 15.91 18.59 5.91
C THR B 24 15.32 19.88 5.35
N GLU B 25 15.57 20.98 6.05
CA GLU B 25 14.88 22.25 5.78
C GLU B 25 13.37 22.06 5.74
N PRO B 26 12.78 21.64 6.86
CA PRO B 26 11.35 21.28 6.87
C PRO B 26 10.43 22.48 6.60
N LEU B 27 9.52 22.29 5.65
CA LEU B 27 8.50 23.30 5.36
C LEU B 27 7.15 22.74 5.78
N SER B 28 6.44 23.47 6.64
CA SER B 28 5.21 22.95 7.22
C SER B 28 3.94 23.51 6.57
N LEU B 29 2.91 22.69 6.53
CA LEU B 29 1.59 23.09 6.06
C LEU B 29 0.72 23.41 7.25
N HIS B 30 -0.34 24.17 7.03
CA HIS B 30 -1.24 24.57 8.11
C HIS B 30 -1.96 23.37 8.74
N CYS B 31 -1.95 22.24 8.05
CA CYS B 31 -2.54 21.02 8.57
C CYS B 31 -1.62 20.34 9.59
N GLY B 32 -0.37 20.80 9.64
CA GLY B 32 0.58 20.27 10.61
C GLY B 32 1.62 19.34 10.02
N HIS B 33 1.44 18.97 8.76
CA HIS B 33 2.37 18.07 8.10
C HIS B 33 3.53 18.85 7.47
N SER B 34 4.73 18.25 7.54
CA SER B 34 5.93 18.92 7.05
C SER B 34 6.73 18.04 6.10
N PHE B 35 7.52 18.67 5.24
CA PHE B 35 8.31 17.96 4.23
C PHE B 35 9.66 18.64 4.08
N CYS B 36 10.64 17.91 3.56
CA CYS B 36 11.93 18.50 3.21
C CYS B 36 11.69 19.56 2.15
N GLN B 37 12.45 20.66 2.20
CA GLN B 37 12.26 21.76 1.25
C GLN B 37 12.45 21.31 -0.19
N ALA B 38 13.32 20.32 -0.39
CA ALA B 38 13.59 19.78 -1.72
C ALA B 38 12.46 18.89 -2.20
N CYS B 39 11.63 18.43 -1.26
CA CYS B 39 10.59 17.46 -1.58
C CYS B 39 9.26 18.09 -2.02
N ILE B 40 9.19 19.41 -2.01
CA ILE B 40 8.05 20.12 -2.60
C ILE B 40 8.51 21.29 -3.47
N SER B 56 -2.40 20.68 -2.83
CA SER B 56 -2.96 19.73 -1.86
C SER B 56 -1.87 18.98 -1.09
N CYS B 57 -2.06 18.82 0.21
CA CYS B 57 -1.12 18.08 1.05
C CYS B 57 -1.01 16.63 0.56
N PRO B 58 0.21 16.17 0.29
CA PRO B 58 0.44 14.79 -0.14
C PRO B 58 -0.08 13.77 0.89
N VAL B 59 -0.15 14.19 2.15
CA VAL B 59 -0.56 13.30 3.24
C VAL B 59 -2.07 13.33 3.52
N CYS B 60 -2.60 14.50 3.85
CA CYS B 60 -3.99 14.61 4.27
C CYS B 60 -4.92 15.18 3.20
N ARG B 61 -4.32 15.70 2.13
CA ARG B 61 -5.06 16.22 0.97
C ARG B 61 -5.85 17.51 1.24
N ILE B 62 -5.68 18.09 2.42
CA ILE B 62 -6.25 19.40 2.70
C ILE B 62 -5.49 20.45 1.91
N SER B 63 -6.22 21.25 1.13
CA SER B 63 -5.58 22.23 0.26
C SER B 63 -4.90 23.36 1.02
N TYR B 64 -3.92 23.98 0.36
CA TYR B 64 -3.18 25.09 0.93
C TYR B 64 -2.80 26.07 -0.16
N GLN B 65 -2.80 27.36 0.16
CA GLN B 65 -2.29 28.37 -0.75
C GLN B 65 -0.77 28.19 -0.87
N PRO B 66 -0.26 28.13 -2.10
CA PRO B 66 1.18 27.99 -2.38
C PRO B 66 2.01 29.15 -1.85
N GLU B 67 1.71 29.62 -0.64
CA GLU B 67 2.47 30.66 0.03
C GLU B 67 2.22 30.62 1.53
N ASN B 68 1.23 29.82 1.93
CA ASN B 68 0.97 29.57 3.34
C ASN B 68 2.03 28.61 3.88
N ILE B 69 2.97 28.24 3.01
CA ILE B 69 4.14 27.46 3.39
C ILE B 69 5.02 28.27 4.33
N GLN B 70 5.43 27.66 5.42
CA GLN B 70 6.34 28.31 6.36
C GLN B 70 7.37 27.32 6.89
N PRO B 71 8.65 27.70 6.85
CA PRO B 71 9.72 26.88 7.39
C PRO B 71 9.51 26.62 8.88
N ASN B 72 9.96 25.47 9.35
CA ASN B 72 9.80 25.11 10.76
C ASN B 72 11.16 24.89 11.41
N ARG B 73 11.74 25.98 11.92
CA ARG B 73 13.07 25.94 12.50
C ARG B 73 13.11 25.13 13.79
N HIS B 74 11.98 25.06 14.49
CA HIS B 74 11.88 24.31 15.73
C HIS B 74 12.04 22.80 15.46
N VAL B 75 11.33 22.31 14.45
CA VAL B 75 11.44 20.91 14.06
C VAL B 75 12.86 20.59 13.60
N ALA B 76 13.46 21.52 12.86
CA ALA B 76 14.83 21.37 12.37
C ALA B 76 15.80 21.16 13.52
N ASN B 77 15.58 21.85 14.63
CA ASN B 77 16.42 21.71 15.82
C ASN B 77 16.16 20.40 16.55
N ILE B 78 14.91 19.94 16.52
CA ILE B 78 14.54 18.66 17.11
C ILE B 78 15.18 17.52 16.33
N VAL B 79 15.19 17.66 15.01
CA VAL B 79 15.81 16.68 14.13
C VAL B 79 17.30 16.53 14.43
N GLU B 80 17.97 17.65 14.69
CA GLU B 80 19.39 17.63 15.00
C GLU B 80 19.67 17.04 16.38
N LYS B 81 18.85 17.39 17.37
CA LYS B 81 19.01 16.86 18.72
C LYS B 81 18.46 15.44 18.83
N LEU B 82 18.35 14.76 17.69
CA LEU B 82 17.88 13.38 17.66
C LEU B 82 19.05 12.47 17.28
N ARG B 83 19.60 12.70 16.08
CA ARG B 83 20.78 11.96 15.64
C ARG B 83 21.45 12.67 14.46
#